data_5NZX
#
_entry.id   5NZX
#
_cell.length_a   51.450
_cell.length_b   56.550
_cell.length_c   113.520
_cell.angle_alpha   90.00
_cell.angle_beta   90.00
_cell.angle_gamma   90.00
#
_symmetry.space_group_name_H-M   'P 21 21 21'
#
loop_
_entity.id
_entity.type
_entity.pdbx_description
1 polymer 'DNA cross-link repair 1A protein'
2 non-polymer 'NICKEL (II) ION'
3 non-polymer Ceftriaxone
4 water water
#
_entity_poly.entity_id   1
_entity_poly.type   'polypeptide(L)'
_entity_poly.pdbx_seq_one_letter_code
;KKTCPFYKKIPGTGFTVDAFQYGVVEGCTAYFLTHFHSDHYAGLSKHFTFPVYCSEITGNLLKNKLHVQEQYIHPLPLDT
ECIVNGVKVVLLDANHCPGAVMILFYLPNGTVILHTGDFRADPSMERSLLADQKVHMLYLDTTYCSPEYTFPSQQEVIRF
AINTAFEAVTLNPHALVVCGTYSIGKEKVFLAIADVLGSKVGMSQEKYKTLQCLNIPEINSLITTDMCSSLVHLLPMMQI
NFKGLQSHLKKCGGKYNQILAFRPTGWTHSNKFTRIADVIPQTKGNISIYGIPYSEHSSYLEMKRFVQWLKPQKIIPTVN
VGTWKSRSTMEKYFREWKLEAGY
;
_entity_poly.pdbx_strand_id   A
#
loop_
_chem_comp.id
_chem_comp.type
_chem_comp.name
_chem_comp.formula
9F2 non-polymer Ceftriaxone 'C18 H18 N8 O7 S3'
NI non-polymer 'NICKEL (II) ION' 'Ni 2'
#
# COMPACT_ATOMS: atom_id res chain seq x y z
N LYS A 2 -2.37 14.53 21.12
CA LYS A 2 -2.04 13.13 21.51
C LYS A 2 -0.52 12.94 21.61
N THR A 3 -0.10 12.00 22.46
CA THR A 3 1.31 11.60 22.53
C THR A 3 1.52 10.34 21.71
N CYS A 4 2.78 10.08 21.37
CA CYS A 4 3.16 8.94 20.54
C CYS A 4 2.84 7.63 21.26
N PRO A 5 2.03 6.74 20.63
CA PRO A 5 1.75 5.44 21.28
C PRO A 5 2.99 4.54 21.29
N PHE A 6 3.05 3.62 22.26
CA PHE A 6 4.23 2.76 22.46
C PHE A 6 4.58 1.93 21.22
N TYR A 7 3.57 1.46 20.48
CA TYR A 7 3.81 0.62 19.29
C TYR A 7 4.46 1.35 18.09
N LYS A 8 4.62 2.68 18.21
CA LYS A 8 5.38 3.44 17.22
C LYS A 8 6.82 3.75 17.68
N LYS A 9 7.23 3.26 18.85
CA LYS A 9 8.58 3.46 19.39
C LYS A 9 9.35 2.15 19.33
N ILE A 10 10.62 2.23 18.93
CA ILE A 10 11.48 1.05 18.86
C ILE A 10 12.34 1.09 20.13
N PRO A 11 12.18 0.10 21.03
CA PRO A 11 12.88 0.15 22.32
C PRO A 11 14.38 -0.08 22.17
N GLY A 12 15.15 0.50 23.09
CA GLY A 12 16.62 0.48 23.00
C GLY A 12 17.19 1.43 21.96
N THR A 13 16.34 2.25 21.35
CA THR A 13 16.73 3.21 20.32
C THR A 13 15.95 4.50 20.58
N GLY A 14 16.33 5.56 19.87
CA GLY A 14 15.54 6.79 19.84
C GLY A 14 14.68 6.88 18.59
N PHE A 15 14.29 5.73 18.03
CA PHE A 15 13.57 5.71 16.75
C PHE A 15 12.08 5.62 16.94
N THR A 16 11.35 6.35 16.10
CA THR A 16 9.92 6.13 15.92
C THR A 16 9.64 5.74 14.48
N VAL A 17 8.50 5.10 14.28
CA VAL A 17 8.06 4.66 12.96
C VAL A 17 6.65 5.22 12.73
N ASP A 18 6.48 5.99 11.64
CA ASP A 18 5.18 6.52 11.22
C ASP A 18 4.51 7.36 12.31
N ALA A 19 5.32 8.20 12.94
CA ALA A 19 4.90 8.96 14.10
C ALA A 19 5.17 10.46 13.93
N PHE A 20 4.42 11.09 13.04
CA PHE A 20 4.63 12.49 12.67
C PHE A 20 3.52 13.45 13.13
N GLN A 21 2.47 12.90 13.75
CA GLN A 21 1.29 13.69 14.13
C GLN A 21 1.27 14.07 15.61
N TYR A 22 2.38 13.85 16.32
CA TYR A 22 2.43 14.11 17.77
C TYR A 22 3.35 15.28 18.14
N GLY A 23 3.71 16.11 17.16
CA GLY A 23 4.71 17.17 17.38
C GLY A 23 6.09 16.57 17.63
N VAL A 24 6.91 17.28 18.39
CA VAL A 24 8.25 16.81 18.74
C VAL A 24 8.16 15.67 19.75
N VAL A 25 8.38 14.44 19.28
CA VAL A 25 8.36 13.27 20.16
C VAL A 25 9.65 13.33 21.00
N GLU A 26 9.49 13.36 22.33
CA GLU A 26 10.61 13.56 23.24
C GLU A 26 11.54 12.36 23.22
N GLY A 27 12.81 12.60 22.91
CA GLY A 27 13.82 11.56 22.86
C GLY A 27 13.87 10.80 21.56
N CYS A 28 13.18 11.30 20.53
CA CYS A 28 13.24 10.69 19.21
C CYS A 28 14.36 11.33 18.41
N THR A 29 15.38 10.54 18.11
CA THR A 29 16.56 11.00 17.37
C THR A 29 16.38 10.83 15.86
N ALA A 30 15.45 9.96 15.43
CA ALA A 30 15.22 9.75 14.02
C ALA A 30 13.80 9.25 13.77
N TYR A 31 13.17 9.80 12.75
CA TYR A 31 11.81 9.48 12.38
C TYR A 31 11.80 8.67 11.09
N PHE A 32 11.33 7.42 11.16
CA PHE A 32 11.20 6.57 9.98
C PHE A 32 9.77 6.71 9.42
N LEU A 33 9.67 6.76 8.09
CA LEU A 33 8.37 6.71 7.41
C LEU A 33 8.35 5.47 6.49
N THR A 34 7.48 4.52 6.78
CA THR A 34 7.45 3.26 6.06
C THR A 34 6.91 3.44 4.63
N HIS A 35 5.91 4.29 4.46
CA HIS A 35 5.30 4.48 3.15
C HIS A 35 4.43 5.73 3.11
N PHE A 36 4.15 6.21 1.91
CA PHE A 36 3.42 7.47 1.70
C PHE A 36 1.89 7.23 1.65
N HIS A 37 1.33 6.85 2.80
CA HIS A 37 -0.13 6.80 2.99
C HIS A 37 -0.48 7.74 4.14
N SER A 38 -1.63 8.41 4.03
CA SER A 38 -1.89 9.59 4.87
C SER A 38 -1.93 9.31 6.38
N ASP A 39 -2.37 8.13 6.82
CA ASP A 39 -2.36 7.83 8.26
C ASP A 39 -0.94 7.72 8.83
N HIS A 40 0.03 7.47 7.95
CA HIS A 40 1.41 7.26 8.32
C HIS A 40 2.25 8.53 8.23
N TYR A 41 2.05 9.32 7.17
CA TYR A 41 2.74 10.63 7.06
C TYR A 41 2.06 11.81 7.78
N ALA A 42 0.85 11.59 8.28
CA ALA A 42 0.08 12.64 9.00
C ALA A 42 0.99 13.51 9.85
N GLY A 43 1.05 14.81 9.53
CA GLY A 43 1.85 15.78 10.28
C GLY A 43 3.03 16.38 9.54
N LEU A 44 3.58 15.66 8.56
CA LEU A 44 4.70 16.16 7.77
C LEU A 44 4.30 17.31 6.87
N SER A 45 5.20 18.29 6.74
CA SER A 45 5.00 19.48 5.91
C SER A 45 6.35 20.16 5.67
N LYS A 46 6.31 21.26 4.91
CA LYS A 46 7.51 22.12 4.69
C LYS A 46 8.12 22.70 5.97
N HIS A 47 7.36 22.74 7.05
CA HIS A 47 7.84 23.27 8.33
C HIS A 47 8.43 22.20 9.26
N PHE A 48 8.52 20.94 8.81
CA PHE A 48 9.16 19.86 9.59
C PHE A 48 10.68 20.00 9.53
N THR A 49 11.33 19.89 10.68
CA THR A 49 12.77 20.18 10.81
C THR A 49 13.58 19.08 11.52
N PHE A 50 13.14 17.83 11.40
CA PHE A 50 13.93 16.69 11.89
C PHE A 50 14.14 15.71 10.74
N PRO A 51 15.21 14.88 10.81
CA PRO A 51 15.48 13.91 9.75
C PRO A 51 14.38 12.87 9.58
N VAL A 52 13.98 12.65 8.32
CA VAL A 52 13.02 11.61 7.95
C VAL A 52 13.77 10.56 7.15
N TYR A 53 13.74 9.33 7.64
CA TYR A 53 14.36 8.18 6.95
C TYR A 53 13.28 7.37 6.24
N CYS A 54 13.51 7.07 4.98
CA CYS A 54 12.50 6.44 4.14
C CYS A 54 13.14 5.90 2.89
N SER A 55 12.34 5.24 2.06
CA SER A 55 12.81 4.84 0.75
C SER A 55 12.95 6.06 -0.18
N GLU A 56 13.64 5.87 -1.29
CA GLU A 56 13.80 6.90 -2.31
C GLU A 56 12.46 7.37 -2.86
N ILE A 57 11.57 6.42 -3.16
CA ILE A 57 10.24 6.77 -3.68
C ILE A 57 9.45 7.58 -2.65
N THR A 58 9.43 7.12 -1.41
CA THR A 58 8.74 7.88 -0.37
C THR A 58 9.32 9.30 -0.28
N GLY A 59 10.64 9.42 -0.38
CA GLY A 59 11.31 10.72 -0.34
C GLY A 59 10.88 11.61 -1.49
N ASN A 60 10.75 11.03 -2.68
CA ASN A 60 10.27 11.79 -3.84
C ASN A 60 8.88 12.40 -3.56
N LEU A 61 8.01 11.62 -2.93
CA LEU A 61 6.66 12.05 -2.62
C LEU A 61 6.66 13.11 -1.52
N LEU A 62 7.48 12.91 -0.49
CA LEU A 62 7.67 13.95 0.54
C LEU A 62 8.11 15.30 -0.06
N LYS A 63 9.11 15.26 -0.93
CA LYS A 63 9.63 16.46 -1.59
C LYS A 63 8.59 17.17 -2.47
N ASN A 64 7.95 16.41 -3.35
CA ASN A 64 7.08 16.99 -4.39
C ASN A 64 5.63 17.21 -4.00
N LYS A 65 5.10 16.39 -3.08
CA LYS A 65 3.68 16.47 -2.71
C LYS A 65 3.47 17.17 -1.36
N LEU A 66 4.32 16.89 -0.38
CA LEU A 66 4.19 17.54 0.94
C LEU A 66 5.15 18.71 1.14
N HIS A 67 6.07 18.91 0.19
CA HIS A 67 7.01 20.04 0.21
C HIS A 67 7.96 20.00 1.40
N VAL A 68 8.31 18.80 1.85
CA VAL A 68 9.29 18.62 2.90
C VAL A 68 10.62 19.11 2.33
N GLN A 69 11.36 19.88 3.13
CA GLN A 69 12.64 20.40 2.68
C GLN A 69 13.63 19.25 2.49
N GLU A 70 14.38 19.34 1.39
CA GLU A 70 15.33 18.32 0.94
C GLU A 70 16.35 17.96 2.02
N GLN A 71 16.80 18.95 2.80
CA GLN A 71 17.77 18.73 3.88
C GLN A 71 17.31 17.75 4.97
N TYR A 72 16.00 17.57 5.10
CA TYR A 72 15.45 16.67 6.11
C TYR A 72 15.05 15.31 5.58
N ILE A 73 15.14 15.10 4.26
CA ILE A 73 14.78 13.83 3.64
C ILE A 73 16.04 12.98 3.52
N HIS A 74 16.05 11.82 4.18
CA HIS A 74 17.17 10.88 4.15
C HIS A 74 16.74 9.57 3.52
N PRO A 75 16.79 9.51 2.17
CA PRO A 75 16.42 8.26 1.51
C PRO A 75 17.50 7.21 1.70
N LEU A 76 17.08 5.98 1.94
CA LEU A 76 17.99 4.85 2.09
C LEU A 76 17.69 3.82 1.03
N PRO A 77 18.75 3.20 0.47
CA PRO A 77 18.50 2.13 -0.48
C PRO A 77 17.95 0.90 0.21
N LEU A 78 17.24 0.07 -0.54
CA LEU A 78 16.76 -1.22 -0.05
C LEU A 78 17.86 -2.27 0.05
N ASP A 79 17.61 -3.28 0.90
CA ASP A 79 18.45 -4.49 0.98
C ASP A 79 19.90 -4.18 1.29
N THR A 80 20.13 -3.11 2.06
CA THR A 80 21.48 -2.58 2.27
C THR A 80 21.64 -2.25 3.76
N GLU A 81 22.65 -2.80 4.40
CA GLU A 81 22.93 -2.47 5.79
C GLU A 81 23.38 -1.01 5.88
N CYS A 82 22.64 -0.23 6.68
CA CYS A 82 22.86 1.21 6.84
C CYS A 82 22.99 1.48 8.32
N ILE A 83 23.75 2.50 8.70
CA ILE A 83 23.84 2.90 10.10
C ILE A 83 23.11 4.22 10.25
N VAL A 84 22.08 4.24 11.10
CA VAL A 84 21.33 5.45 11.40
C VAL A 84 21.48 5.67 12.89
N ASN A 85 22.07 6.80 13.29
CA ASN A 85 22.31 7.12 14.70
C ASN A 85 22.82 5.92 15.52
N GLY A 86 23.85 5.25 15.00
CA GLY A 86 24.52 4.19 15.73
C GLY A 86 23.86 2.83 15.74
N VAL A 87 22.86 2.63 14.89
CA VAL A 87 22.13 1.36 14.82
C VAL A 87 22.08 0.88 13.40
N LYS A 88 22.46 -0.38 13.20
CA LYS A 88 22.35 -1.02 11.90
C LYS A 88 20.88 -1.29 11.57
N VAL A 89 20.46 -0.80 10.40
CA VAL A 89 19.13 -1.05 9.87
C VAL A 89 19.20 -1.48 8.40
N VAL A 90 18.17 -2.22 7.99
CA VAL A 90 17.94 -2.61 6.59
C VAL A 90 16.47 -2.30 6.26
N LEU A 91 16.25 -1.70 5.08
CA LEU A 91 14.92 -1.54 4.53
C LEU A 91 14.68 -2.66 3.52
N LEU A 92 13.50 -3.27 3.61
CA LEU A 92 13.10 -4.33 2.69
C LEU A 92 11.80 -3.94 2.02
N ASP A 93 11.59 -4.34 0.77
CA ASP A 93 10.30 -4.07 0.14
C ASP A 93 9.18 -4.76 0.93
N ALA A 94 8.11 -3.99 1.16
CA ALA A 94 6.96 -4.47 1.93
C ALA A 94 5.87 -5.13 1.09
N ASN A 95 6.02 -5.16 -0.23
CA ASN A 95 4.96 -5.68 -1.11
C ASN A 95 3.62 -4.99 -0.77
N HIS A 96 3.68 -3.68 -0.60
CA HIS A 96 2.49 -2.88 -0.31
C HIS A 96 2.29 -1.94 -1.53
N CYS A 97 2.45 -0.63 -1.36
CA CYS A 97 2.38 0.37 -2.42
C CYS A 97 3.81 0.75 -2.82
N PRO A 98 3.97 1.54 -3.89
CA PRO A 98 5.32 1.94 -4.29
C PRO A 98 6.06 2.68 -3.16
N GLY A 99 7.32 2.32 -2.97
CA GLY A 99 8.14 2.90 -1.92
C GLY A 99 7.95 2.37 -0.51
N ALA A 100 7.00 1.44 -0.32
CA ALA A 100 6.70 0.93 1.00
C ALA A 100 7.76 -0.03 1.46
N VAL A 101 8.21 0.14 2.71
CA VAL A 101 9.24 -0.71 3.25
C VAL A 101 8.88 -1.32 4.60
N MET A 102 9.55 -2.43 4.89
CA MET A 102 9.68 -3.01 6.23
C MET A 102 11.06 -2.60 6.70
N ILE A 103 11.24 -2.51 8.02
CA ILE A 103 12.51 -2.10 8.59
C ILE A 103 13.00 -3.15 9.56
N LEU A 104 14.23 -3.63 9.34
CA LEU A 104 14.94 -4.51 10.27
C LEU A 104 15.87 -3.64 11.10
N PHE A 105 15.76 -3.75 12.43
CA PHE A 105 16.64 -3.06 13.37
C PHE A 105 17.50 -4.11 14.08
N TYR A 106 18.80 -3.90 14.09
CA TYR A 106 19.74 -4.81 14.76
C TYR A 106 20.19 -4.08 16.01
N LEU A 107 19.61 -4.45 17.16
CA LEU A 107 19.86 -3.71 18.40
C LEU A 107 21.23 -4.05 18.97
N PRO A 108 21.85 -3.10 19.71
CA PRO A 108 23.18 -3.34 20.32
C PRO A 108 23.29 -4.65 21.12
N ASN A 109 22.24 -4.98 21.87
CA ASN A 109 22.23 -6.17 22.73
C ASN A 109 22.01 -7.53 22.01
N GLY A 110 21.89 -7.50 20.68
CA GLY A 110 21.72 -8.74 19.89
C GLY A 110 20.27 -9.07 19.53
N THR A 111 19.32 -8.30 20.08
CA THR A 111 17.91 -8.38 19.68
C THR A 111 17.77 -7.91 18.23
N VAL A 112 16.89 -8.55 17.46
CA VAL A 112 16.55 -8.10 16.11
C VAL A 112 15.05 -7.85 16.07
N ILE A 113 14.67 -6.68 15.55
CA ILE A 113 13.28 -6.28 15.44
C ILE A 113 12.93 -6.08 13.98
N LEU A 114 11.80 -6.67 13.55
CA LEU A 114 11.22 -6.36 12.23
C LEU A 114 9.97 -5.54 12.42
N HIS A 115 9.93 -4.38 11.75
CA HIS A 115 8.71 -3.56 11.64
C HIS A 115 8.22 -3.70 10.21
N THR A 116 7.02 -4.28 10.04
CA THR A 116 6.55 -4.56 8.69
C THR A 116 6.00 -3.33 7.96
N GLY A 117 5.86 -2.19 8.65
CA GLY A 117 5.02 -1.12 8.12
C GLY A 117 3.68 -1.73 7.72
N ASP A 118 3.11 -1.27 6.60
CA ASP A 118 2.00 -1.99 5.98
C ASP A 118 2.61 -2.97 4.97
N PHE A 119 2.12 -4.21 4.92
CA PHE A 119 2.69 -5.19 4.00
C PHE A 119 1.67 -6.20 3.53
N ARG A 120 1.98 -6.82 2.40
CA ARG A 120 1.29 -8.03 2.01
C ARG A 120 2.30 -9.16 2.04
N ALA A 121 2.23 -9.96 3.10
CA ALA A 121 3.17 -11.05 3.29
C ALA A 121 3.18 -11.96 2.08
N ASP A 122 4.38 -12.43 1.72
CA ASP A 122 4.52 -13.32 0.60
C ASP A 122 5.58 -14.38 0.95
N PRO A 123 5.45 -15.62 0.43
CA PRO A 123 6.50 -16.63 0.70
C PRO A 123 7.88 -16.19 0.23
N SER A 124 7.98 -15.31 -0.78
CA SER A 124 9.27 -14.77 -1.21
C SER A 124 10.06 -14.16 -0.05
N MET A 125 9.37 -13.56 0.91
CA MET A 125 10.02 -12.96 2.07
C MET A 125 10.79 -13.96 2.94
N GLU A 126 10.41 -15.24 2.87
CA GLU A 126 10.99 -16.32 3.68
C GLU A 126 12.34 -16.80 3.15
N ARG A 127 12.65 -16.42 1.91
CA ARG A 127 13.94 -16.74 1.31
C ARG A 127 14.76 -15.47 1.09
N SER A 128 14.37 -14.38 1.74
CA SER A 128 15.04 -13.09 1.65
C SER A 128 16.10 -12.94 2.73
N LEU A 129 16.67 -11.75 2.86
CA LEU A 129 17.51 -11.36 4.01
C LEU A 129 16.90 -11.72 5.37
N LEU A 130 15.57 -11.70 5.47
CA LEU A 130 14.91 -12.09 6.73
C LEU A 130 15.32 -13.45 7.25
N ALA A 131 15.70 -14.36 6.34
CA ALA A 131 16.06 -15.72 6.70
C ALA A 131 17.45 -15.86 7.32
N ASP A 132 18.26 -14.81 7.29
CA ASP A 132 19.68 -14.92 7.66
C ASP A 132 20.02 -14.64 9.13
N GLN A 133 19.01 -14.28 9.91
CA GLN A 133 19.18 -14.10 11.34
C GLN A 133 17.84 -14.29 12.03
N LYS A 134 17.89 -14.70 13.28
CA LYS A 134 16.71 -14.76 14.14
C LYS A 134 16.14 -13.38 14.37
N VAL A 135 14.82 -13.28 14.26
CA VAL A 135 14.09 -12.06 14.56
C VAL A 135 13.29 -12.29 15.83
N HIS A 136 13.43 -11.39 16.78
CA HIS A 136 12.86 -11.57 18.12
C HIS A 136 11.51 -10.92 18.31
N MET A 137 11.39 -9.70 17.81
CA MET A 137 10.19 -8.91 17.97
C MET A 137 9.67 -8.49 16.61
N LEU A 138 8.35 -8.51 16.47
CA LEU A 138 7.68 -8.21 15.21
C LEU A 138 6.61 -7.16 15.44
N TYR A 139 6.73 -6.01 14.75
CA TYR A 139 5.69 -4.97 14.78
C TYR A 139 4.88 -5.21 13.50
N LEU A 140 3.65 -5.72 13.69
CA LEU A 140 2.94 -6.38 12.59
C LEU A 140 1.74 -5.62 12.08
N ASP A 141 1.66 -5.49 10.75
CA ASP A 141 0.46 -4.98 10.08
C ASP A 141 -0.63 -6.03 10.19
N THR A 142 -1.56 -5.77 11.09
CA THR A 142 -2.67 -6.65 11.42
C THR A 142 -4.00 -6.23 10.79
N THR A 143 -3.94 -5.49 9.69
CA THR A 143 -5.13 -4.96 9.03
C THR A 143 -6.23 -6.02 8.90
N TYR A 144 -5.87 -7.19 8.37
CA TYR A 144 -6.83 -8.26 8.12
C TYR A 144 -6.54 -9.52 8.94
N CYS A 145 -6.26 -9.33 10.22
CA CYS A 145 -6.00 -10.43 11.12
C CYS A 145 -7.29 -11.07 11.65
N SER A 146 -8.07 -11.66 10.76
CA SER A 146 -9.24 -12.43 11.10
C SER A 146 -9.54 -13.37 9.93
N PRO A 147 -10.02 -14.60 10.22
CA PRO A 147 -10.09 -15.61 9.16
C PRO A 147 -11.03 -15.34 8.00
N GLU A 148 -12.01 -14.47 8.19
CA GLU A 148 -12.92 -14.13 7.11
C GLU A 148 -12.25 -13.32 5.97
N TYR A 149 -11.04 -12.79 6.23
CA TYR A 149 -10.31 -12.05 5.21
C TYR A 149 -9.52 -12.99 4.36
N THR A 150 -10.22 -13.40 3.32
CA THR A 150 -9.70 -14.22 2.31
C THR A 150 -10.02 -13.37 1.10
N PHE A 151 -9.00 -13.18 0.31
CA PHE A 151 -9.21 -12.60 -0.99
C PHE A 151 -8.14 -13.22 -1.89
N PRO A 152 -8.33 -13.13 -3.22
CA PRO A 152 -7.44 -13.81 -4.15
C PRO A 152 -6.10 -13.14 -4.28
N SER A 153 -5.21 -13.77 -5.02
CA SER A 153 -3.92 -13.16 -5.31
C SER A 153 -4.14 -11.92 -6.18
N GLN A 154 -3.19 -11.00 -6.11
CA GLN A 154 -3.23 -9.86 -7.02
C GLN A 154 -3.28 -10.29 -8.49
N GLN A 155 -2.51 -11.32 -8.83
CA GLN A 155 -2.45 -11.81 -10.19
C GLN A 155 -3.82 -12.30 -10.68
N GLU A 156 -4.54 -13.02 -9.82
CA GLU A 156 -5.88 -13.52 -10.17
C GLU A 156 -6.85 -12.34 -10.39
N VAL A 157 -6.76 -11.32 -9.53
CA VAL A 157 -7.64 -10.15 -9.65
C VAL A 157 -7.35 -9.37 -10.94
N ILE A 158 -6.07 -9.18 -11.24
CA ILE A 158 -5.65 -8.49 -12.47
C ILE A 158 -6.10 -9.27 -13.72
N ARG A 159 -5.99 -10.59 -13.67
CA ARG A 159 -6.44 -11.45 -14.76
C ARG A 159 -7.93 -11.20 -15.04
N PHE A 160 -8.74 -11.18 -13.99
CA PHE A 160 -10.16 -10.89 -14.11
C PHE A 160 -10.40 -9.50 -14.71
N ALA A 161 -9.71 -8.49 -14.17
CA ALA A 161 -9.91 -7.12 -14.64
C ALA A 161 -9.53 -6.92 -16.10
N ILE A 162 -8.36 -7.42 -16.50
CA ILE A 162 -7.89 -7.36 -17.89
C ILE A 162 -8.88 -8.07 -18.83
N ASN A 163 -9.32 -9.27 -18.47
CA ASN A 163 -10.24 -10.05 -19.32
C ASN A 163 -11.59 -9.34 -19.46
N THR A 164 -12.09 -8.80 -18.36
CA THR A 164 -13.37 -8.08 -18.35
C THR A 164 -13.30 -6.85 -19.23
N ALA A 165 -12.24 -6.05 -19.04
CA ALA A 165 -12.06 -4.84 -19.81
C ALA A 165 -11.84 -5.11 -21.29
N PHE A 166 -10.94 -6.04 -21.59
CA PHE A 166 -10.62 -6.37 -22.98
C PHE A 166 -11.86 -6.85 -23.74
N GLU A 167 -12.63 -7.75 -23.12
CA GLU A 167 -13.86 -8.24 -23.77
C GLU A 167 -14.82 -7.08 -24.05
N ALA A 168 -15.07 -6.27 -23.03
CA ALA A 168 -16.06 -5.17 -23.15
C ALA A 168 -15.69 -4.15 -24.23
N VAL A 169 -14.41 -3.79 -24.27
CA VAL A 169 -13.94 -2.79 -25.23
C VAL A 169 -13.81 -3.37 -26.66
N THR A 170 -13.48 -4.65 -26.79
CA THR A 170 -13.48 -5.30 -28.09
C THR A 170 -14.91 -5.44 -28.64
N LEU A 171 -15.88 -5.78 -27.78
CA LEU A 171 -17.29 -5.78 -28.18
C LEU A 171 -17.82 -4.37 -28.49
N ASN A 172 -17.40 -3.38 -27.70
CA ASN A 172 -17.88 -2.01 -27.83
C ASN A 172 -16.69 -1.05 -27.83
N PRO A 173 -16.20 -0.68 -29.03
CA PRO A 173 -15.07 0.25 -29.12
C PRO A 173 -15.28 1.64 -28.51
N HIS A 174 -16.53 2.00 -28.24
CA HIS A 174 -16.91 3.26 -27.59
C HIS A 174 -17.03 3.18 -26.07
N ALA A 175 -16.66 2.04 -25.48
CA ALA A 175 -16.65 1.89 -24.04
C ALA A 175 -15.44 2.60 -23.41
N LEU A 176 -15.63 3.01 -22.16
CA LEU A 176 -14.57 3.63 -21.35
C LEU A 176 -14.36 2.81 -20.10
N VAL A 177 -13.10 2.61 -19.72
CA VAL A 177 -12.78 2.00 -18.45
C VAL A 177 -12.40 3.11 -17.47
N VAL A 178 -12.99 3.06 -16.26
CA VAL A 178 -12.62 3.99 -15.19
C VAL A 178 -12.07 3.20 -14.01
N CYS A 179 -10.93 3.65 -13.47
CA CYS A 179 -10.42 3.10 -12.23
C CYS A 179 -10.43 4.19 -11.17
N GLY A 180 -10.95 3.88 -10.00
CA GLY A 180 -10.94 4.84 -8.90
C GLY A 180 -9.64 4.72 -8.12
N THR A 181 -9.17 5.87 -7.61
CA THR A 181 -7.98 5.93 -6.73
C THR A 181 -8.13 7.03 -5.66
N TYR A 182 -7.51 6.87 -4.49
CA TYR A 182 -7.42 7.96 -3.48
C TYR A 182 -6.05 8.13 -2.81
N SER A 183 -5.06 7.44 -3.35
CA SER A 183 -3.76 7.31 -2.72
C SER A 183 -2.91 6.53 -3.70
N ILE A 184 -1.61 6.50 -3.46
CA ILE A 184 -0.76 5.60 -4.19
C ILE A 184 -1.07 4.14 -3.80
N GLY A 185 -0.64 3.24 -4.67
CA GLY A 185 -0.94 1.83 -4.56
C GLY A 185 -1.95 1.40 -5.61
N LYS A 186 -1.87 0.10 -5.94
CA LYS A 186 -2.80 -0.57 -6.83
C LYS A 186 -2.70 -0.06 -8.28
N GLU A 187 -1.53 0.51 -8.62
CA GLU A 187 -1.29 1.03 -9.96
C GLU A 187 -1.41 -0.06 -11.02
N LYS A 188 -1.05 -1.30 -10.66
CA LYS A 188 -1.16 -2.42 -11.60
C LYS A 188 -2.54 -2.54 -12.20
N VAL A 189 -3.58 -2.18 -11.46
CA VAL A 189 -4.95 -2.34 -11.98
C VAL A 189 -5.09 -1.53 -13.28
N PHE A 190 -4.85 -0.24 -13.19
CA PHE A 190 -5.04 0.60 -14.36
C PHE A 190 -3.95 0.42 -15.41
N LEU A 191 -2.71 0.18 -14.98
CA LEU A 191 -1.64 -0.01 -15.96
C LEU A 191 -1.81 -1.29 -16.76
N ALA A 192 -2.22 -2.38 -16.09
CA ALA A 192 -2.44 -3.64 -16.79
C ALA A 192 -3.59 -3.56 -17.79
N ILE A 193 -4.68 -2.90 -17.40
CA ILE A 193 -5.83 -2.74 -18.28
C ILE A 193 -5.45 -1.88 -19.49
N ALA A 194 -4.77 -0.77 -19.25
CA ALA A 194 -4.38 0.12 -20.34
C ALA A 194 -3.43 -0.60 -21.31
N ASP A 195 -2.55 -1.43 -20.75
CA ASP A 195 -1.65 -2.23 -21.58
C ASP A 195 -2.41 -3.16 -22.54
N VAL A 196 -3.38 -3.93 -22.02
CA VAL A 196 -4.13 -4.86 -22.89
C VAL A 196 -4.94 -4.13 -23.98
N LEU A 197 -5.40 -2.92 -23.64
CA LEU A 197 -6.22 -2.11 -24.54
C LEU A 197 -5.38 -1.25 -25.52
N GLY A 198 -4.07 -1.20 -25.33
CA GLY A 198 -3.18 -0.36 -26.16
C GLY A 198 -3.39 1.12 -25.97
N SER A 199 -3.71 1.51 -24.75
CA SER A 199 -4.05 2.88 -24.41
C SER A 199 -3.13 3.35 -23.31
N LYS A 200 -3.01 4.67 -23.21
CA LYS A 200 -2.46 5.30 -22.03
C LYS A 200 -3.58 5.46 -21.01
N VAL A 201 -3.19 5.79 -19.79
CA VAL A 201 -4.13 6.05 -18.72
C VAL A 201 -4.23 7.56 -18.58
N GLY A 202 -5.45 8.08 -18.75
CA GLY A 202 -5.73 9.50 -18.60
C GLY A 202 -6.04 9.88 -17.17
N MET A 203 -5.56 11.05 -16.74
CA MET A 203 -5.75 11.47 -15.36
C MET A 203 -5.47 12.95 -15.20
N SER A 204 -5.87 13.47 -14.05
CA SER A 204 -5.59 14.84 -13.67
C SER A 204 -4.08 15.10 -13.56
N GLN A 205 -3.70 16.39 -13.67
CA GLN A 205 -2.32 16.81 -13.46
C GLN A 205 -1.78 16.37 -12.11
N GLU A 206 -2.60 16.52 -11.08
CA GLU A 206 -2.25 16.10 -9.71
C GLU A 206 -1.91 14.61 -9.62
N LYS A 207 -2.73 13.76 -10.24
CA LYS A 207 -2.46 12.32 -10.21
C LYS A 207 -1.22 11.97 -11.05
N TYR A 208 -1.09 12.62 -12.20
CA TYR A 208 0.07 12.49 -13.06
C TYR A 208 1.36 12.79 -12.31
N LYS A 209 1.39 13.93 -11.62
CA LYS A 209 2.51 14.35 -10.78
C LYS A 209 2.90 13.28 -9.76
N THR A 210 1.89 12.74 -9.08
CA THR A 210 2.10 11.69 -8.09
C THR A 210 2.76 10.49 -8.73
N LEU A 211 2.21 10.02 -9.86
CA LEU A 211 2.78 8.83 -10.51
C LEU A 211 4.22 9.06 -11.01
N GLN A 212 4.53 10.28 -11.41
CA GLN A 212 5.88 10.63 -11.85
C GLN A 212 6.94 10.53 -10.72
N CYS A 213 6.51 10.43 -9.47
CA CYS A 213 7.40 10.23 -8.30
C CYS A 213 7.78 8.77 -7.99
N LEU A 214 7.20 7.81 -8.71
CA LEU A 214 7.18 6.41 -8.27
C LEU A 214 8.21 5.46 -8.91
N ASN A 215 9.12 6.02 -9.70
CA ASN A 215 10.18 5.25 -10.39
C ASN A 215 9.65 4.02 -11.17
N ILE A 216 8.49 4.16 -11.81
CA ILE A 216 7.93 3.10 -12.63
C ILE A 216 8.62 3.20 -13.99
N PRO A 217 9.24 2.10 -14.46
CA PRO A 217 9.93 2.15 -15.75
C PRO A 217 9.00 2.49 -16.91
N GLU A 218 9.50 3.35 -17.80
CA GLU A 218 8.79 3.76 -19.01
C GLU A 218 7.45 4.45 -18.71
N ILE A 219 7.31 5.05 -17.53
CA ILE A 219 6.02 5.66 -17.11
C ILE A 219 5.50 6.67 -18.13
N ASN A 220 6.38 7.45 -18.75
CA ASN A 220 5.98 8.43 -19.75
C ASN A 220 5.22 7.84 -20.94
N SER A 221 5.48 6.56 -21.25
CA SER A 221 4.76 5.85 -22.31
C SER A 221 3.37 5.36 -21.89
N LEU A 222 3.08 5.36 -20.58
CA LEU A 222 1.88 4.70 -20.03
C LEU A 222 0.78 5.64 -19.53
N ILE A 223 1.10 6.90 -19.25
CA ILE A 223 0.17 7.83 -18.62
C ILE A 223 0.15 9.17 -19.33
N THR A 224 -0.97 9.90 -19.16
CA THR A 224 -1.18 11.17 -19.86
C THR A 224 -2.19 12.03 -19.11
N THR A 225 -2.08 13.34 -19.32
CA THR A 225 -3.08 14.30 -18.87
C THR A 225 -4.11 14.61 -19.97
N ASP A 226 -3.94 14.00 -21.15
CA ASP A 226 -4.87 14.14 -22.26
C ASP A 226 -5.95 13.04 -22.16
N MET A 227 -7.02 13.36 -21.45
CA MET A 227 -8.04 12.37 -21.04
C MET A 227 -8.75 11.76 -22.22
N CYS A 228 -9.22 12.64 -23.10
CA CYS A 228 -10.05 12.23 -24.21
C CYS A 228 -9.26 11.46 -25.29
N SER A 229 -7.93 11.48 -25.21
CA SER A 229 -7.10 10.57 -26.02
C SER A 229 -6.94 9.14 -25.45
N SER A 230 -7.55 8.84 -24.29
CA SER A 230 -7.33 7.55 -23.61
C SER A 230 -8.61 6.77 -23.36
N LEU A 231 -8.47 5.44 -23.30
CA LEU A 231 -9.57 4.51 -23.05
C LEU A 231 -9.69 4.11 -21.59
N VAL A 232 -8.75 4.55 -20.76
CA VAL A 232 -8.73 4.23 -19.33
C VAL A 232 -8.53 5.53 -18.61
N HIS A 233 -9.49 5.89 -17.75
CA HIS A 233 -9.37 7.09 -16.94
C HIS A 233 -9.25 6.76 -15.47
N LEU A 234 -8.40 7.51 -14.77
CA LEU A 234 -8.37 7.48 -13.31
C LEU A 234 -9.15 8.62 -12.76
N LEU A 235 -10.04 8.33 -11.82
CA LEU A 235 -10.83 9.34 -11.16
C LEU A 235 -10.72 9.16 -9.67
N PRO A 236 -11.00 10.22 -8.91
CA PRO A 236 -11.10 10.06 -7.48
C PRO A 236 -12.12 8.97 -7.12
N MET A 237 -11.79 8.19 -6.10
CA MET A 237 -12.65 7.10 -5.65
C MET A 237 -14.06 7.60 -5.32
N MET A 238 -14.15 8.83 -4.79
CA MET A 238 -15.44 9.48 -4.49
C MET A 238 -16.39 9.67 -5.66
N GLN A 239 -15.87 9.60 -6.88
CA GLN A 239 -16.68 9.71 -8.08
C GLN A 239 -17.18 8.35 -8.58
N ILE A 240 -16.76 7.24 -7.96
CA ILE A 240 -17.13 5.90 -8.43
C ILE A 240 -18.48 5.51 -7.84
N ASN A 241 -19.52 6.06 -8.46
CA ASN A 241 -20.90 5.81 -8.09
C ASN A 241 -21.71 6.14 -9.32
N PHE A 242 -22.98 5.78 -9.32
CA PHE A 242 -23.77 5.93 -10.55
C PHE A 242 -23.88 7.40 -10.98
N LYS A 243 -24.14 8.31 -10.04
CA LYS A 243 -24.25 9.73 -10.38
C LYS A 243 -22.94 10.30 -10.91
N GLY A 244 -21.84 9.94 -10.26
CA GLY A 244 -20.52 10.44 -10.63
C GLY A 244 -20.08 9.97 -12.00
N LEU A 245 -20.38 8.71 -12.31
CA LEU A 245 -19.99 8.14 -13.59
C LEU A 245 -20.92 8.58 -14.70
N GLN A 246 -22.21 8.74 -14.39
CA GLN A 246 -23.13 9.36 -15.36
C GLN A 246 -22.65 10.77 -15.76
N SER A 247 -22.17 11.55 -14.79
CA SER A 247 -21.64 12.88 -15.07
C SER A 247 -20.37 12.83 -15.91
N HIS A 248 -19.48 11.90 -15.59
CA HIS A 248 -18.26 11.71 -16.37
C HIS A 248 -18.54 11.30 -17.82
N LEU A 249 -19.59 10.51 -18.04
CA LEU A 249 -20.03 10.12 -19.39
C LEU A 249 -20.34 11.32 -20.31
N LYS A 250 -20.63 12.48 -19.72
CA LYS A 250 -20.83 13.72 -20.50
C LYS A 250 -19.53 14.31 -21.06
N LYS A 251 -18.38 13.97 -20.48
CA LYS A 251 -17.09 14.52 -20.94
C LYS A 251 -16.67 14.02 -22.33
N CYS A 252 -15.66 14.69 -22.87
CA CYS A 252 -15.07 14.35 -24.18
C CYS A 252 -16.13 14.36 -25.30
N GLY A 253 -17.05 15.33 -25.22
CA GLY A 253 -18.13 15.48 -26.19
C GLY A 253 -19.06 14.30 -26.32
N GLY A 254 -19.25 13.52 -25.24
CA GLY A 254 -20.12 12.34 -25.29
C GLY A 254 -19.60 11.20 -26.17
N LYS A 255 -18.29 11.18 -26.38
CA LYS A 255 -17.55 10.17 -27.16
C LYS A 255 -17.73 8.71 -26.66
N TYR A 256 -18.01 8.54 -25.36
CA TYR A 256 -18.17 7.22 -24.77
C TYR A 256 -19.65 6.91 -24.50
N ASN A 257 -20.05 5.65 -24.67
CA ASN A 257 -21.43 5.25 -24.43
C ASN A 257 -21.58 4.11 -23.43
N GLN A 258 -20.49 3.77 -22.74
CA GLN A 258 -20.47 2.74 -21.74
C GLN A 258 -19.32 3.03 -20.78
N ILE A 259 -19.54 2.81 -19.49
CA ILE A 259 -18.46 2.80 -18.51
C ILE A 259 -18.39 1.46 -17.79
N LEU A 260 -17.18 0.90 -17.73
CA LEU A 260 -16.86 -0.20 -16.83
C LEU A 260 -15.91 0.42 -15.83
N ALA A 261 -16.30 0.46 -14.57
CA ALA A 261 -15.48 1.04 -13.53
C ALA A 261 -15.01 -0.05 -12.57
N PHE A 262 -13.76 0.09 -12.11
CA PHE A 262 -13.19 -0.82 -11.13
C PHE A 262 -12.93 -0.08 -9.83
N ARG A 263 -13.46 -0.64 -8.75
CA ARG A 263 -13.41 -0.04 -7.41
C ARG A 263 -12.86 -1.11 -6.48
N PRO A 264 -11.65 -0.92 -5.91
CA PRO A 264 -11.20 -1.92 -4.94
C PRO A 264 -12.06 -2.02 -3.66
N THR A 265 -12.58 -3.23 -3.41
CA THR A 265 -13.53 -3.54 -2.32
C THR A 265 -13.75 -5.05 -2.18
N GLY A 266 -14.55 -5.44 -1.18
CA GLY A 266 -15.10 -6.80 -1.09
C GLY A 266 -14.12 -7.74 -0.38
N TRP A 267 -13.50 -7.22 0.67
CA TRP A 267 -12.43 -7.92 1.38
C TRP A 267 -12.92 -9.07 2.25
N THR A 268 -14.17 -9.03 2.66
CA THR A 268 -14.74 -10.06 3.56
C THR A 268 -15.37 -11.22 2.78
N ARG A 275 -15.78 -18.10 -6.31
CA ARG A 275 -14.69 -17.85 -7.25
C ARG A 275 -14.54 -16.35 -7.58
N ILE A 276 -13.51 -16.03 -8.35
CA ILE A 276 -13.23 -14.64 -8.79
C ILE A 276 -14.22 -14.21 -9.89
N ALA A 277 -14.67 -15.17 -10.71
CA ALA A 277 -15.77 -14.93 -11.68
C ALA A 277 -17.09 -14.51 -11.03
N ASP A 278 -17.29 -14.89 -9.77
CA ASP A 278 -18.45 -14.45 -8.98
C ASP A 278 -18.45 -12.94 -8.65
N VAL A 279 -17.43 -12.18 -9.07
CA VAL A 279 -17.48 -10.71 -9.01
C VAL A 279 -18.44 -10.18 -10.05
N ILE A 280 -19.62 -9.82 -9.58
CA ILE A 280 -20.69 -9.32 -10.41
C ILE A 280 -20.76 -7.82 -10.18
N PRO A 281 -20.86 -7.03 -11.26
CA PRO A 281 -20.88 -5.61 -11.05
C PRO A 281 -22.23 -5.09 -10.57
N GLN A 282 -22.18 -3.91 -9.97
CA GLN A 282 -23.40 -3.10 -9.75
C GLN A 282 -23.65 -2.32 -11.03
N THR A 283 -24.81 -2.51 -11.63
CA THR A 283 -25.12 -1.99 -12.97
C THR A 283 -26.35 -1.09 -12.96
N LYS A 284 -26.24 0.05 -13.62
CA LYS A 284 -27.37 0.93 -13.91
C LYS A 284 -27.20 1.36 -15.36
N GLY A 285 -28.03 0.80 -16.23
CA GLY A 285 -27.96 1.08 -17.66
C GLY A 285 -26.60 0.73 -18.21
N ASN A 286 -25.97 1.72 -18.85
CA ASN A 286 -24.67 1.57 -19.49
C ASN A 286 -23.47 1.81 -18.54
N ILE A 287 -23.69 1.83 -17.22
CA ILE A 287 -22.62 1.95 -16.23
C ILE A 287 -22.59 0.71 -15.37
N SER A 288 -21.41 0.07 -15.31
CA SER A 288 -21.20 -1.10 -14.45
C SER A 288 -19.99 -0.85 -13.56
N ILE A 289 -20.13 -1.14 -12.26
CA ILE A 289 -19.06 -0.92 -11.29
C ILE A 289 -18.68 -2.27 -10.72
N TYR A 290 -17.42 -2.66 -10.94
CA TYR A 290 -16.89 -3.94 -10.48
C TYR A 290 -16.11 -3.72 -9.18
N GLY A 291 -16.58 -4.36 -8.11
CA GLY A 291 -15.90 -4.29 -6.82
C GLY A 291 -14.87 -5.38 -6.73
N ILE A 292 -13.61 -5.04 -7.04
CA ILE A 292 -12.56 -6.07 -7.19
C ILE A 292 -11.72 -6.13 -5.92
N PRO A 293 -11.50 -7.34 -5.37
CA PRO A 293 -10.79 -7.48 -4.10
C PRO A 293 -9.26 -7.48 -4.27
N TYR A 294 -8.75 -6.42 -4.86
CA TYR A 294 -7.31 -6.19 -5.01
C TYR A 294 -6.79 -5.61 -3.72
N SER A 295 -5.95 -6.35 -3.00
CA SER A 295 -5.42 -5.90 -1.71
C SER A 295 -3.90 -5.76 -1.75
N GLU A 296 -3.41 -4.73 -1.08
CA GLU A 296 -1.97 -4.59 -0.81
C GLU A 296 -1.66 -4.87 0.65
N HIS A 297 -2.57 -5.56 1.34
CA HIS A 297 -2.34 -6.06 2.70
C HIS A 297 -2.49 -7.58 2.74
N SER A 298 -1.79 -8.21 3.68
CA SER A 298 -1.90 -9.64 3.87
C SER A 298 -3.33 -10.10 4.08
N SER A 299 -3.72 -11.21 3.44
CA SER A 299 -4.87 -11.97 3.91
C SER A 299 -4.52 -12.60 5.25
N TYR A 300 -5.53 -13.11 5.94
CA TYR A 300 -5.30 -13.81 7.19
C TYR A 300 -4.29 -14.94 7.00
N LEU A 301 -4.50 -15.76 5.96
CA LEU A 301 -3.64 -16.94 5.76
C LEU A 301 -2.21 -16.55 5.41
N GLU A 302 -2.06 -15.51 4.61
CA GLU A 302 -0.73 -14.98 4.28
C GLU A 302 0.01 -14.47 5.52
N MET A 303 -0.70 -13.71 6.35
CA MET A 303 -0.16 -13.19 7.61
C MET A 303 0.27 -14.32 8.55
N LYS A 304 -0.61 -15.31 8.70
CA LYS A 304 -0.37 -16.47 9.55
C LYS A 304 0.88 -17.25 9.11
N ARG A 305 0.95 -17.50 7.80
CA ARG A 305 2.10 -18.20 7.24
C ARG A 305 3.42 -17.48 7.56
N PHE A 306 3.43 -16.18 7.33
CA PHE A 306 4.63 -15.36 7.56
C PHE A 306 5.07 -15.44 9.02
N VAL A 307 4.12 -15.25 9.93
CA VAL A 307 4.42 -15.21 11.35
C VAL A 307 4.87 -16.60 11.82
N GLN A 308 4.21 -17.65 11.36
CA GLN A 308 4.62 -19.03 11.73
C GLN A 308 6.00 -19.41 11.19
N TRP A 309 6.38 -18.83 10.07
CA TRP A 309 7.72 -19.01 9.52
C TRP A 309 8.74 -18.25 10.36
N LEU A 310 8.45 -16.98 10.65
CA LEU A 310 9.37 -16.08 11.34
C LEU A 310 9.57 -16.45 12.81
N LYS A 311 8.53 -16.97 13.44
CA LYS A 311 8.59 -17.45 14.84
C LYS A 311 9.10 -16.36 15.80
N PRO A 312 8.50 -15.15 15.74
CA PRO A 312 8.90 -14.08 16.67
C PRO A 312 8.59 -14.46 18.13
N GLN A 313 9.40 -13.96 19.06
CA GLN A 313 9.14 -14.12 20.48
C GLN A 313 7.99 -13.24 20.96
N LYS A 314 7.86 -12.07 20.32
CA LYS A 314 6.85 -11.07 20.72
C LYS A 314 6.29 -10.40 19.49
N ILE A 315 4.96 -10.31 19.41
CA ILE A 315 4.27 -9.59 18.35
C ILE A 315 3.57 -8.36 18.91
N ILE A 316 3.81 -7.23 18.25
CA ILE A 316 3.15 -5.98 18.57
C ILE A 316 2.31 -5.55 17.35
N PRO A 317 0.97 -5.66 17.45
CA PRO A 317 0.12 -5.18 16.34
C PRO A 317 0.21 -3.69 16.18
N THR A 318 0.15 -3.23 14.93
CA THR A 318 0.15 -1.80 14.64
C THR A 318 -1.17 -1.31 14.04
N VAL A 319 -2.13 -2.22 13.84
CA VAL A 319 -3.41 -1.89 13.20
C VAL A 319 -4.54 -2.53 13.99
N ASN A 320 -5.65 -1.82 14.11
CA ASN A 320 -6.84 -2.28 14.81
C ASN A 320 -6.58 -2.49 16.29
N VAL A 321 -5.73 -1.63 16.86
CA VAL A 321 -5.37 -1.71 18.27
C VAL A 321 -6.29 -0.87 19.17
N GLY A 322 -7.30 -0.20 18.59
CA GLY A 322 -8.10 0.77 19.35
C GLY A 322 -9.26 0.23 20.17
N THR A 323 -9.62 -1.04 20.01
CA THR A 323 -10.72 -1.62 20.78
C THR A 323 -10.21 -2.83 21.55
N TRP A 324 -10.77 -3.06 22.74
CA TRP A 324 -10.38 -4.23 23.52
C TRP A 324 -10.71 -5.52 22.79
N LYS A 325 -11.86 -5.53 22.11
CA LYS A 325 -12.28 -6.71 21.38
C LYS A 325 -11.25 -7.09 20.30
N SER A 326 -10.82 -6.10 19.53
CA SER A 326 -9.85 -6.35 18.48
C SER A 326 -8.50 -6.79 19.05
N ARG A 327 -8.03 -6.09 20.08
CA ARG A 327 -6.76 -6.47 20.71
C ARG A 327 -6.83 -7.92 21.21
N SER A 328 -7.94 -8.26 21.87
CA SER A 328 -8.11 -9.61 22.47
C SER A 328 -8.14 -10.67 21.38
N THR A 329 -8.88 -10.40 20.31
CA THR A 329 -9.02 -11.39 19.25
C THR A 329 -7.69 -11.63 18.54
N MET A 330 -6.94 -10.56 18.27
CA MET A 330 -5.60 -10.71 17.65
C MET A 330 -4.66 -11.54 18.51
N GLU A 331 -4.59 -11.22 19.82
CA GLU A 331 -3.74 -11.98 20.73
C GLU A 331 -4.13 -13.47 20.77
N LYS A 332 -5.42 -13.76 20.67
CA LYS A 332 -5.87 -15.16 20.64
C LYS A 332 -5.38 -15.87 19.37
N TYR A 333 -5.45 -15.20 18.23
CA TYR A 333 -4.88 -15.78 17.01
C TYR A 333 -3.37 -15.99 17.12
N PHE A 334 -2.64 -15.03 17.68
CA PHE A 334 -1.19 -15.21 17.80
C PHE A 334 -0.86 -16.41 18.65
N ARG A 335 -1.61 -16.59 19.74
CA ARG A 335 -1.41 -17.74 20.59
C ARG A 335 -1.72 -19.04 19.85
N GLU A 336 -2.81 -19.08 19.10
CA GLU A 336 -3.18 -20.25 18.30
C GLU A 336 -2.05 -20.58 17.32
N TRP A 337 -1.53 -19.56 16.63
CA TRP A 337 -0.48 -19.78 15.66
C TRP A 337 0.78 -20.37 16.30
N LYS A 338 1.12 -19.83 17.47
CA LYS A 338 2.30 -20.22 18.21
C LYS A 338 2.17 -21.69 18.67
N LEU A 339 1.01 -22.05 19.19
CA LEU A 339 0.76 -23.43 19.63
C LEU A 339 0.75 -24.44 18.48
N GLU A 340 0.16 -24.05 17.35
CA GLU A 340 0.11 -24.93 16.16
C GLU A 340 1.52 -25.21 15.66
N ALA A 341 2.34 -24.16 15.56
CA ALA A 341 3.67 -24.29 14.99
C ALA A 341 4.73 -24.72 15.99
N GLY A 342 4.46 -24.60 17.29
CA GLY A 342 5.35 -25.10 18.34
C GLY A 342 6.45 -24.17 18.83
N TYR A 343 6.38 -22.88 18.51
CA TYR A 343 7.42 -21.89 18.92
C TYR A 343 7.06 -21.18 20.20
NI NI B . -0.80 1.68 3.72
C1 9F2 C . -23.43 1.05 -6.40
S1 9F2 C . -24.19 0.03 -5.14
C2 9F2 C . -25.85 0.69 -5.48
C3 9F2 C . -25.95 2.20 -5.49
C4 9F2 C . -27.32 2.68 -5.06
S2 9F2 C . -28.59 2.10 -6.22
C5 9F2 C . -28.84 3.51 -7.24
N1 9F2 C . -28.36 4.72 -6.90
C6 9F2 C . -28.59 5.79 -7.72
O1 9F2 C . -28.11 6.89 -7.35
C7 9F2 C . -29.30 5.67 -8.91
O2 9F2 C . -29.52 6.63 -9.66
N2 9F2 C . -29.80 4.42 -9.24
N3 9F2 C . -29.56 3.32 -8.39
C8 9F2 C . -30.11 2.01 -8.77
C9 9F2 C . -24.93 3.03 -5.82
N4 9F2 C . -23.68 2.45 -6.06
C10 9F2 C . -22.40 2.86 -5.90
O3 9F2 C . -21.91 3.90 -5.56
C11 9F2 C . -21.90 1.44 -6.26
N5 9F2 C . -21.11 0.77 -5.26
C12 9F2 C . -19.77 0.80 -5.25
O4 9F2 C . -19.09 1.53 -5.98
C13 9F2 C . -19.09 -0.17 -4.31
N6 9F2 C . -19.05 -1.41 -4.61
O5 9F2 C . -19.58 -1.63 -5.89
C14 9F2 C . -19.31 -2.98 -6.30
C15 9F2 C . -18.60 0.31 -3.03
C16 9F2 C . -18.03 -0.46 -2.07
S3 9F2 C . -17.51 0.52 -0.76
C17 9F2 C . -18.25 1.90 -1.53
N7 9F2 C . -18.30 3.10 -0.92
N8 9F2 C . -18.72 1.65 -2.73
C18 9F2 C . -25.01 4.56 -5.80
O6 9F2 C . -24.58 5.14 -6.78
O7 9F2 C . -25.45 5.08 -4.79
#